data_6ZMP
#
_entry.id   6ZMP
#
_cell.length_a   46.150
_cell.length_b   114.453
_cell.length_c   47.416
_cell.angle_alpha   90.000
_cell.angle_beta   90.190
_cell.angle_gamma   90.000
#
_symmetry.space_group_name_H-M   'P 1 21 1'
#
loop_
_entity.id
_entity.type
_entity.pdbx_description
1 polymer 'N-terminal acetyltransferase-like protein'
2 polymer CMC-MET-ASP-GLU-LEU
3 non-polymer 'CARBOXYMETHYL COENZYME *A'
4 water water
#
loop_
_entity_poly.entity_id
_entity_poly.type
_entity_poly.pdbx_seq_one_letter_code
_entity_poly.pdbx_strand_id
1 'polypeptide(L)'
;MVTVRRFRPEDLNKLAKCNLDPFTETYELGFYLQYYAKWPSLFQVAEDQHGNIIGYIMGKLESSPDVYRFSPHYLPWHAH
ITAVTVAPEARRMGIGRLLTEQLEAAADAADAWFVDLFVRTTNHKAIAFYKSMGYSVYRVVKDYYGDHSADPSRSSEDAY
DMRKPMKRDVKREHIREDGEKHEVDPSVVWHHHHHH
;
A,B
2 'polypeptide(L)' MDEL C,D
#
loop_
_chem_comp.id
_chem_comp.type
_chem_comp.name
_chem_comp.formula
CMC non-polymer 'CARBOXYMETHYL COENZYME *A' 'C23 H38 N7 O18 P3 S'
#
# COMPACT_ATOMS: atom_id res chain seq x y z
N VAL A 2 13.85 -1.89 15.21
CA VAL A 2 13.61 -0.49 14.85
C VAL A 2 12.30 0.02 15.45
N THR A 3 12.38 1.17 16.10
CA THR A 3 11.25 1.82 16.76
C THR A 3 11.05 3.19 16.14
N VAL A 4 9.79 3.54 15.85
CA VAL A 4 9.44 4.84 15.30
C VAL A 4 8.82 5.69 16.39
N ARG A 5 9.21 6.96 16.46
CA ARG A 5 8.75 7.87 17.50
C ARG A 5 8.88 9.30 17.00
N ARG A 6 8.21 10.20 17.69
CA ARG A 6 8.29 11.61 17.30
C ARG A 6 9.72 12.12 17.46
N PHE A 7 10.14 12.93 16.49
CA PHE A 7 11.34 13.74 16.63
C PHE A 7 11.25 14.61 17.88
N ARG A 8 12.36 14.77 18.58
CA ARG A 8 12.48 15.78 19.60
C ARG A 8 13.77 16.58 19.34
N PRO A 9 13.83 17.82 19.82
CA PRO A 9 15.01 18.65 19.49
C PRO A 9 16.31 18.00 19.91
N GLU A 10 16.31 17.23 20.99
CA GLU A 10 17.52 16.54 21.42
C GLU A 10 18.08 15.64 20.33
N ASP A 11 17.27 15.27 19.33
CA ASP A 11 17.73 14.46 18.21
C ASP A 11 18.59 15.23 17.21
N LEU A 12 18.70 16.56 17.35
CA LEU A 12 19.34 17.35 16.30
C LEU A 12 20.78 16.91 16.07
N ASN A 13 21.49 16.50 17.11
CA ASN A 13 22.89 16.11 16.91
C ASN A 13 23.03 14.70 16.38
N LYS A 14 21.93 13.97 16.18
CA LYS A 14 21.98 12.55 15.81
C LYS A 14 21.60 12.30 14.36
N LEU A 15 21.37 13.33 13.56
CA LEU A 15 20.96 13.13 12.18
C LEU A 15 22.16 12.99 11.24
N ALA A 16 23.38 13.12 11.75
CA ALA A 16 24.54 13.27 10.87
C ALA A 16 24.70 12.07 9.95
N LYS A 17 24.60 10.85 10.48
CA LYS A 17 24.80 9.66 9.65
C LYS A 17 23.80 9.62 8.49
N CYS A 18 22.52 9.84 8.76
CA CYS A 18 21.54 9.89 7.68
C CYS A 18 21.88 11.00 6.69
N ASN A 19 22.33 12.15 7.18
CA ASN A 19 22.52 13.27 6.27
C ASN A 19 23.80 13.15 5.44
N LEU A 20 24.65 12.13 5.68
CA LEU A 20 25.74 11.88 4.74
C LEU A 20 25.24 11.42 3.38
N ASP A 21 24.00 10.95 3.28
CA ASP A 21 23.48 10.49 2.01
C ASP A 21 23.48 11.61 0.99
N PRO A 22 23.91 11.35 -0.26
CA PRO A 22 24.02 12.44 -1.24
C PRO A 22 22.69 13.00 -1.70
N PHE A 23 21.57 12.29 -1.53
CA PHE A 23 20.27 12.83 -1.88
C PHE A 23 19.52 13.36 -0.68
N THR A 24 20.22 13.54 0.45
CA THR A 24 19.58 14.04 1.68
C THR A 24 20.15 15.42 1.98
N GLU A 25 19.26 16.42 2.08
CA GLU A 25 19.71 17.78 2.35
C GLU A 25 19.93 17.95 3.83
N THR A 26 20.94 18.74 4.20
CA THR A 26 21.11 19.19 5.57
C THR A 26 20.52 20.59 5.66
N TYR A 27 19.35 20.71 6.28
CA TYR A 27 18.73 22.01 6.36
C TYR A 27 19.31 22.78 7.55
N GLU A 28 18.97 24.04 7.63
CA GLU A 28 19.36 24.85 8.79
C GLU A 28 18.59 24.41 10.02
N LEU A 29 19.21 24.60 11.19
CA LEU A 29 18.58 24.22 12.45
C LEU A 29 17.15 24.75 12.54
N GLY A 30 16.98 26.04 12.28
CA GLY A 30 15.67 26.66 12.46
C GLY A 30 14.61 26.00 11.61
N PHE A 31 15.01 25.39 10.48
CA PHE A 31 14.06 24.73 9.59
C PHE A 31 13.48 23.48 10.24
N TYR A 32 14.36 22.59 10.71
CA TYR A 32 13.89 21.43 11.47
C TYR A 32 13.01 21.86 12.62
N LEU A 33 13.44 22.87 13.37
CA LEU A 33 12.69 23.28 14.53
C LEU A 33 11.34 23.90 14.15
N GLN A 34 11.23 24.48 12.95
CA GLN A 34 9.95 25.01 12.53
C GLN A 34 8.94 23.89 12.25
N TYR A 35 9.39 22.79 11.65
CA TYR A 35 8.51 21.64 11.47
C TYR A 35 8.13 21.02 12.80
N TYR A 36 9.08 20.98 13.74
CA TYR A 36 8.75 20.48 15.07
C TYR A 36 7.69 21.34 15.73
N ALA A 37 7.78 22.67 15.56
CA ALA A 37 6.81 23.54 16.22
C ALA A 37 5.44 23.42 15.58
N LYS A 38 5.37 23.32 14.25
CA LYS A 38 4.10 23.43 13.55
C LYS A 38 3.44 22.09 13.29
N TRP A 39 4.20 21.04 12.96
CA TRP A 39 3.63 19.73 12.67
C TRP A 39 4.41 18.64 13.39
N PRO A 40 4.42 18.67 14.73
CA PRO A 40 5.25 17.69 15.46
C PRO A 40 4.82 16.26 15.24
N SER A 41 3.52 15.98 15.06
CA SER A 41 3.10 14.60 14.81
C SER A 41 3.62 14.07 13.48
N LEU A 42 4.03 14.94 12.57
CA LEU A 42 4.44 14.51 11.24
C LEU A 42 5.96 14.43 11.10
N PHE A 43 6.69 14.73 12.15
CA PHE A 43 8.16 14.69 12.16
C PHE A 43 8.53 13.47 12.99
N GLN A 44 8.83 12.36 12.31
CA GLN A 44 9.01 11.07 12.97
C GLN A 44 10.41 10.55 12.69
N VAL A 45 10.98 9.86 13.66
CA VAL A 45 12.31 9.28 13.51
C VAL A 45 12.25 7.78 13.75
N ALA A 46 13.12 7.05 13.06
CA ALA A 46 13.26 5.62 13.26
C ALA A 46 14.58 5.35 13.97
N GLU A 47 14.54 4.69 15.11
CA GLU A 47 15.77 4.44 15.85
C GLU A 47 15.96 2.95 16.06
N ASP A 48 17.21 2.51 16.02
CA ASP A 48 17.52 1.11 16.20
C ASP A 48 17.65 0.78 17.68
N GLN A 49 17.95 -0.49 17.96
CA GLN A 49 18.06 -0.98 19.33
C GLN A 49 19.18 -0.33 20.13
N HIS A 50 20.19 0.24 19.46
CA HIS A 50 21.31 0.87 20.14
C HIS A 50 21.16 2.39 20.25
N GLY A 51 19.98 2.92 19.93
CA GLY A 51 19.69 4.32 20.12
C GLY A 51 20.01 5.23 18.94
N ASN A 52 20.62 4.71 17.89
CA ASN A 52 20.95 5.52 16.73
C ASN A 52 19.73 5.82 15.87
N ILE A 53 19.69 7.02 15.31
CA ILE A 53 18.63 7.38 14.37
C ILE A 53 19.03 6.87 12.98
N ILE A 54 18.24 5.94 12.45
CA ILE A 54 18.53 5.34 11.16
C ILE A 54 17.55 5.79 10.09
N GLY A 55 16.65 6.71 10.40
CA GLY A 55 15.83 7.33 9.36
C GLY A 55 14.91 8.37 9.97
N TYR A 56 14.33 9.19 9.11
CA TYR A 56 13.33 10.13 9.60
C TYR A 56 12.53 10.67 8.43
N ILE A 57 11.41 11.30 8.75
CA ILE A 57 10.54 11.89 7.76
C ILE A 57 9.96 13.18 8.35
N MET A 58 9.80 14.18 7.49
CA MET A 58 9.25 15.47 7.90
C MET A 58 8.10 15.79 6.95
N GLY A 59 6.93 16.11 7.49
CA GLY A 59 5.78 16.35 6.66
C GLY A 59 5.01 17.58 7.12
N LYS A 60 4.08 18.01 6.27
CA LYS A 60 3.19 19.11 6.63
C LYS A 60 1.85 18.95 5.91
N LEU A 61 0.84 19.64 6.45
CA LEU A 61 -0.47 19.76 5.83
C LEU A 61 -0.69 21.22 5.51
N GLU A 62 -1.15 21.50 4.29
CA GLU A 62 -1.49 22.88 3.94
C GLU A 62 -2.18 22.91 2.58
N SER A 63 -2.57 24.11 2.19
CA SER A 63 -2.98 24.43 0.84
C SER A 63 -2.20 25.67 0.41
N SER A 64 -2.27 26.00 -0.88
CA SER A 64 -1.65 27.23 -1.35
C SER A 64 -2.29 28.45 -0.68
N PRO A 65 -1.54 29.54 -0.56
CA PRO A 65 -2.12 30.79 -0.04
C PRO A 65 -3.36 31.19 -0.86
N ASP A 66 -4.36 31.72 -0.16
CA ASP A 66 -5.63 31.98 -0.82
C ASP A 66 -5.52 32.97 -1.97
N VAL A 67 -4.49 33.81 -1.97
CA VAL A 67 -4.37 34.79 -3.05
C VAL A 67 -4.15 34.11 -4.40
N TYR A 68 -3.73 32.83 -4.40
CA TYR A 68 -3.48 32.10 -5.64
C TYR A 68 -4.65 31.19 -6.02
N ARG A 69 -5.83 31.40 -5.45
CA ARG A 69 -6.90 30.43 -5.63
C ARG A 69 -7.36 30.34 -7.07
N PHE A 70 -7.04 31.31 -7.93
CA PHE A 70 -7.43 31.25 -9.33
C PHE A 70 -6.31 30.76 -10.25
N SER A 71 -5.15 30.45 -9.71
CA SER A 71 -4.06 29.95 -10.53
C SER A 71 -4.32 28.49 -10.92
N PRO A 72 -4.01 28.10 -12.16
CA PRO A 72 -4.04 26.66 -12.48
C PRO A 72 -3.02 25.85 -11.68
N HIS A 73 -2.10 26.50 -10.99
CA HIS A 73 -1.08 25.83 -10.21
C HIS A 73 -1.43 25.81 -8.73
N TYR A 74 -2.64 26.26 -8.38
CA TYR A 74 -3.10 26.23 -7.00
C TYR A 74 -3.13 24.80 -6.47
N LEU A 75 -2.64 24.63 -5.24
CA LEU A 75 -2.72 23.33 -4.55
C LEU A 75 -3.80 23.37 -3.50
N PRO A 76 -4.79 22.48 -3.55
CA PRO A 76 -5.75 22.39 -2.46
C PRO A 76 -5.13 21.72 -1.25
N TRP A 77 -5.89 21.65 -0.17
CA TRP A 77 -5.49 20.97 1.05
C TRP A 77 -4.86 19.62 0.75
N HIS A 78 -3.60 19.43 1.17
CA HIS A 78 -2.86 18.23 0.85
C HIS A 78 -1.78 18.03 1.92
N ALA A 79 -1.19 16.84 1.93
CA ALA A 79 -0.02 16.59 2.75
C ALA A 79 1.21 16.61 1.86
N HIS A 80 2.33 17.12 2.40
CA HIS A 80 3.58 17.25 1.67
C HIS A 80 4.66 16.55 2.46
N ILE A 81 5.46 15.74 1.77
CA ILE A 81 6.68 15.15 2.31
C ILE A 81 7.84 16.09 2.02
N THR A 82 8.31 16.78 3.06
CA THR A 82 9.41 17.70 2.91
C THR A 82 10.76 16.97 2.83
N ALA A 83 10.92 15.89 3.60
CA ALA A 83 12.17 15.13 3.56
C ALA A 83 11.88 13.72 4.08
N VAL A 84 12.53 12.73 3.48
CA VAL A 84 12.56 11.38 4.04
C VAL A 84 13.94 10.80 3.77
N THR A 85 14.45 10.04 4.74
CA THR A 85 15.77 9.43 4.52
C THR A 85 15.91 8.23 5.43
N VAL A 86 16.63 7.22 4.96
CA VAL A 86 16.93 6.00 5.70
C VAL A 86 18.42 5.72 5.51
N ALA A 87 19.12 5.43 6.59
CA ALA A 87 20.56 5.18 6.50
C ALA A 87 20.84 4.04 5.52
N PRO A 88 21.90 4.14 4.74
CA PRO A 88 22.14 3.12 3.69
C PRO A 88 22.28 1.71 4.22
N GLU A 89 22.76 1.53 5.45
CA GLU A 89 22.87 0.19 6.02
C GLU A 89 21.51 -0.41 6.40
N ALA A 90 20.43 0.40 6.41
CA ALA A 90 19.13 -0.04 6.91
C ALA A 90 18.06 -0.03 5.82
N ARG A 91 18.45 0.03 4.55
CA ARG A 91 17.48 0.13 3.48
C ARG A 91 16.95 -1.23 3.07
N ARG A 92 15.84 -1.18 2.34
CA ARG A 92 15.10 -2.36 1.88
C ARG A 92 14.69 -3.26 3.04
N MET A 93 14.35 -2.62 4.18
CA MET A 93 13.78 -3.31 5.32
C MET A 93 12.40 -2.78 5.66
N GLY A 94 11.84 -1.92 4.82
CA GLY A 94 10.51 -1.38 5.03
C GLY A 94 10.45 -0.12 5.88
N ILE A 95 11.59 0.45 6.25
CA ILE A 95 11.55 1.64 7.11
C ILE A 95 10.97 2.82 6.34
N GLY A 96 11.46 3.06 5.12
CA GLY A 96 10.91 4.14 4.32
C GLY A 96 9.42 4.02 4.13
N ARG A 97 8.94 2.82 3.77
CA ARG A 97 7.52 2.62 3.59
C ARG A 97 6.76 2.85 4.91
N LEU A 98 7.30 2.35 6.02
CA LEU A 98 6.66 2.53 7.32
C LEU A 98 6.51 4.01 7.66
N LEU A 99 7.56 4.80 7.46
CA LEU A 99 7.50 6.23 7.74
C LEU A 99 6.48 6.91 6.82
N THR A 100 6.47 6.53 5.55
CA THR A 100 5.54 7.12 4.59
C THR A 100 4.10 6.72 4.87
N GLU A 101 3.87 5.44 5.20
CA GLU A 101 2.51 4.99 5.45
C GLU A 101 1.91 5.73 6.64
N GLN A 102 2.73 6.03 7.66
CA GLN A 102 2.19 6.75 8.81
C GLN A 102 1.76 8.16 8.45
N LEU A 103 2.54 8.84 7.59
CA LEU A 103 2.17 10.16 7.11
C LEU A 103 0.90 10.09 6.25
N GLU A 104 0.82 9.08 5.39
CA GLU A 104 -0.39 8.92 4.58
C GLU A 104 -1.62 8.72 5.47
N ALA A 105 -1.50 7.95 6.55
CA ALA A 105 -2.62 7.75 7.46
C ALA A 105 -3.07 9.08 8.06
N ALA A 106 -2.13 9.95 8.40
CA ALA A 106 -2.49 11.27 8.91
C ALA A 106 -3.18 12.10 7.84
N ALA A 107 -2.64 12.07 6.61
CA ALA A 107 -3.25 12.79 5.49
C ALA A 107 -4.67 12.30 5.23
N ASP A 108 -4.87 10.97 5.24
CA ASP A 108 -6.19 10.40 5.05
C ASP A 108 -7.18 10.86 6.11
N ALA A 109 -6.76 10.83 7.39
CA ALA A 109 -7.64 11.28 8.47
C ALA A 109 -7.96 12.75 8.36
N ALA A 110 -7.08 13.54 7.75
CA ALA A 110 -7.25 14.98 7.60
C ALA A 110 -7.93 15.35 6.31
N ASP A 111 -8.43 14.38 5.53
CA ASP A 111 -9.14 14.67 4.29
C ASP A 111 -8.24 15.41 3.29
N ALA A 112 -6.95 15.07 3.28
CA ALA A 112 -6.05 15.58 2.25
C ALA A 112 -6.52 15.10 0.87
N TRP A 113 -6.30 15.93 -0.16
CA TRP A 113 -6.64 15.49 -1.50
C TRP A 113 -5.60 14.54 -2.06
N PHE A 114 -4.34 14.70 -1.65
CA PHE A 114 -3.23 13.89 -2.11
C PHE A 114 -2.06 14.11 -1.16
N VAL A 115 -1.03 13.30 -1.33
CA VAL A 115 0.28 13.52 -0.72
C VAL A 115 1.25 13.83 -1.86
N ASP A 116 2.05 14.89 -1.72
CA ASP A 116 3.02 15.19 -2.77
C ASP A 116 4.44 15.35 -2.24
N LEU A 117 5.38 15.44 -3.16
CA LEU A 117 6.79 15.51 -2.82
C LEU A 117 7.56 15.98 -4.05
N PHE A 118 8.75 16.53 -3.81
CA PHE A 118 9.69 16.86 -4.88
C PHE A 118 10.82 15.83 -4.84
N VAL A 119 11.24 15.35 -6.02
CA VAL A 119 12.33 14.37 -6.11
C VAL A 119 13.22 14.81 -7.27
N ARG A 120 14.55 14.72 -7.07
CA ARG A 120 15.50 14.98 -8.15
C ARG A 120 15.28 13.99 -9.29
N THR A 121 15.30 14.49 -10.52
CA THR A 121 15.01 13.59 -11.63
C THR A 121 16.07 12.50 -11.81
N THR A 122 17.26 12.66 -11.24
CA THR A 122 18.29 11.62 -11.26
C THR A 122 18.21 10.66 -10.07
N ASN A 123 17.28 10.86 -9.15
CA ASN A 123 17.21 10.03 -7.94
C ASN A 123 16.35 8.80 -8.23
N HIS A 124 16.94 7.88 -8.99
CA HIS A 124 16.16 6.75 -9.48
C HIS A 124 15.72 5.83 -8.36
N LYS A 125 16.51 5.71 -7.30
CA LYS A 125 16.10 4.88 -6.17
C LYS A 125 14.82 5.41 -5.56
N ALA A 126 14.77 6.72 -5.29
CA ALA A 126 13.59 7.30 -4.67
C ALA A 126 12.39 7.25 -5.61
N ILE A 127 12.61 7.49 -6.90
CA ILE A 127 11.50 7.43 -7.85
C ILE A 127 10.90 6.03 -7.86
N ALA A 128 11.75 5.01 -7.87
CA ALA A 128 11.25 3.63 -7.89
C ALA A 128 10.50 3.31 -6.60
N PHE A 129 11.02 3.78 -5.47
CA PHE A 129 10.35 3.68 -4.19
C PHE A 129 8.93 4.28 -4.23
N TYR A 130 8.82 5.54 -4.62
CA TYR A 130 7.51 6.19 -4.59
C TYR A 130 6.56 5.57 -5.63
N LYS A 131 7.05 5.22 -6.81
CA LYS A 131 6.18 4.58 -7.78
C LYS A 131 5.61 3.28 -7.23
N SER A 132 6.42 2.52 -6.49
CA SER A 132 5.93 1.25 -5.95
C SER A 132 4.82 1.43 -4.93
N MET A 133 4.72 2.61 -4.32
CA MET A 133 3.71 2.91 -3.32
C MET A 133 2.51 3.65 -3.90
N GLY A 134 2.44 3.83 -5.21
CA GLY A 134 1.31 4.46 -5.86
C GLY A 134 1.47 5.94 -6.17
N TYR A 135 2.66 6.51 -6.02
CA TYR A 135 2.91 7.87 -6.43
C TYR A 135 3.22 7.91 -7.92
N SER A 136 2.82 9.01 -8.56
CA SER A 136 3.10 9.24 -9.97
C SER A 136 3.56 10.68 -10.17
N VAL A 137 4.25 10.91 -11.29
CA VAL A 137 4.67 12.27 -11.62
C VAL A 137 3.46 13.10 -12.02
N TYR A 138 3.28 14.24 -11.36
CA TYR A 138 2.23 15.18 -11.75
C TYR A 138 2.74 16.28 -12.68
N ARG A 139 3.94 16.80 -12.42
CA ARG A 139 4.55 17.82 -13.27
C ARG A 139 6.05 17.81 -13.03
N VAL A 140 6.78 18.45 -13.93
CA VAL A 140 8.20 18.69 -13.77
C VAL A 140 8.40 20.15 -13.40
N VAL A 141 9.10 20.41 -12.31
CA VAL A 141 9.47 21.77 -11.92
C VAL A 141 10.89 22.00 -12.42
N LYS A 142 11.02 22.81 -13.46
CA LYS A 142 12.33 23.11 -14.05
C LYS A 142 13.19 23.86 -13.04
N ASP A 143 14.47 23.43 -12.95
CA ASP A 143 15.47 24.16 -12.17
C ASP A 143 15.10 24.27 -10.69
N TYR A 144 14.31 23.33 -10.19
CA TYR A 144 13.87 23.42 -8.80
C TYR A 144 15.05 23.34 -7.84
N TYR A 145 15.99 22.45 -8.09
CA TYR A 145 17.14 22.26 -7.23
C TYR A 145 18.28 23.15 -7.71
N GLY A 146 18.95 23.78 -6.76
CA GLY A 146 19.95 24.79 -7.06
C GLY A 146 21.25 24.25 -7.59
N ASP A 147 21.45 22.94 -7.51
CA ASP A 147 22.63 22.31 -8.08
C ASP A 147 22.22 20.95 -8.62
N HIS A 148 23.13 20.34 -9.37
CA HIS A 148 22.89 19.00 -9.92
C HIS A 148 23.56 17.96 -9.03
N SER A 149 22.98 16.76 -9.00
CA SER A 149 23.48 15.69 -8.15
C SER A 149 24.66 14.94 -8.76
N ALA A 150 24.90 15.08 -10.07
CA ALA A 150 25.93 14.30 -10.75
C ALA A 150 26.85 15.17 -11.60
N ASP A 151 26.31 16.26 -12.16
CA ASP A 151 27.02 17.09 -13.12
C ASP A 151 27.30 18.46 -12.53
N PRO A 152 28.52 18.73 -12.05
CA PRO A 152 28.81 20.06 -11.50
C PRO A 152 28.72 21.18 -12.54
N SER A 153 28.77 20.86 -13.83
CA SER A 153 28.66 21.90 -14.85
C SER A 153 27.23 22.40 -15.03
N ARG A 154 26.24 21.54 -14.77
CA ARG A 154 24.86 21.99 -14.70
C ARG A 154 24.69 22.90 -13.48
N SER A 155 24.02 24.04 -13.68
CA SER A 155 23.79 24.96 -12.57
C SER A 155 22.60 24.55 -11.70
N SER A 156 21.75 23.65 -12.18
CA SER A 156 20.54 23.30 -11.45
C SER A 156 20.11 21.90 -11.87
N GLU A 157 19.08 21.38 -11.20
CA GLU A 157 18.48 20.11 -11.56
C GLU A 157 16.97 20.23 -11.44
N ASP A 158 16.24 19.59 -12.36
CA ASP A 158 14.79 19.60 -12.30
C ASP A 158 14.29 18.68 -11.20
N ALA A 159 13.06 18.96 -10.74
CA ALA A 159 12.34 18.07 -9.84
C ALA A 159 11.13 17.47 -10.53
N TYR A 160 10.84 16.22 -10.19
CA TYR A 160 9.49 15.69 -10.39
C TYR A 160 8.69 16.02 -9.14
N ASP A 161 7.51 16.60 -9.35
CA ASP A 161 6.52 16.73 -8.28
C ASP A 161 5.63 15.51 -8.39
N MET A 162 5.76 14.59 -7.44
CA MET A 162 5.03 13.34 -7.45
C MET A 162 3.87 13.40 -6.48
N ARG A 163 2.80 12.70 -6.81
CA ARG A 163 1.58 12.73 -6.02
C ARG A 163 1.04 11.32 -5.87
N LYS A 164 0.49 11.04 -4.69
CA LYS A 164 -0.32 9.85 -4.49
C LYS A 164 -1.73 10.30 -4.14
N PRO A 165 -2.75 9.87 -4.87
CA PRO A 165 -4.11 10.32 -4.53
C PRO A 165 -4.55 9.76 -3.19
N MET A 166 -5.28 10.58 -2.44
CA MET A 166 -5.98 10.12 -1.24
C MET A 166 -7.45 9.90 -1.57
N LYS A 167 -8.19 9.26 -0.66
CA LYS A 167 -9.53 8.80 -1.02
C LYS A 167 -10.51 9.94 -1.30
N ARG A 168 -10.22 11.15 -0.82
CA ARG A 168 -11.08 12.28 -1.14
C ARG A 168 -11.11 12.57 -2.63
N ASP A 169 -10.05 12.21 -3.37
CA ASP A 169 -10.01 12.53 -4.80
C ASP A 169 -10.71 11.44 -5.61
N VAL A 170 -12.05 11.41 -5.47
CA VAL A 170 -12.84 10.32 -6.06
C VAL A 170 -12.78 10.34 -7.58
N LYS A 171 -12.60 11.50 -8.19
CA LYS A 171 -12.51 11.61 -9.64
C LYS A 171 -11.07 11.60 -10.14
N ARG A 172 -10.11 11.48 -9.24
CA ARG A 172 -8.68 11.49 -9.60
C ARG A 172 -8.35 12.70 -10.47
N GLU A 173 -8.89 13.86 -10.08
CA GLU A 173 -8.63 15.09 -10.83
C GLU A 173 -7.30 15.74 -10.48
N HIS A 174 -6.58 15.25 -9.48
CA HIS A 174 -5.30 15.80 -9.08
C HIS A 174 -4.12 14.92 -9.47
N ILE A 175 -4.34 13.88 -10.27
CA ILE A 175 -3.21 13.15 -10.83
C ILE A 175 -3.37 13.05 -12.35
N ARG A 176 -2.23 12.82 -13.02
CA ARG A 176 -2.10 12.83 -14.47
C ARG A 176 -1.40 11.55 -14.91
N GLU A 177 -1.75 11.06 -16.09
CA GLU A 177 -1.06 9.91 -16.66
C GLU A 177 0.25 10.28 -17.36
N ASP A 178 0.39 11.54 -17.77
CA ASP A 178 1.50 11.97 -18.61
C ASP A 178 2.26 13.12 -17.96
N GLY A 179 2.46 13.04 -16.65
CA GLY A 179 2.97 14.17 -15.89
C GLY A 179 4.36 14.64 -16.30
N GLU A 180 5.20 13.73 -16.81
CA GLU A 180 6.54 14.14 -17.22
C GLU A 180 6.49 15.12 -18.39
N LYS A 181 5.36 15.21 -19.10
CA LYS A 181 5.22 16.11 -20.23
C LYS A 181 4.76 17.50 -19.84
N HIS A 182 4.43 17.74 -18.56
CA HIS A 182 3.94 19.03 -18.10
C HIS A 182 5.04 19.70 -17.28
N GLU A 183 5.55 20.81 -17.77
CA GLU A 183 6.65 21.52 -17.12
C GLU A 183 6.16 22.85 -16.56
N VAL A 184 6.63 23.20 -15.37
CA VAL A 184 6.36 24.50 -14.80
C VAL A 184 7.66 25.16 -14.34
N ASP A 185 7.57 26.42 -14.06
CA ASP A 185 8.74 27.11 -13.59
C ASP A 185 8.71 27.16 -12.07
N PRO A 186 9.87 27.33 -11.41
CA PRO A 186 9.87 27.32 -9.95
C PRO A 186 9.08 28.46 -9.36
N SER A 187 8.74 29.47 -10.16
CA SER A 187 8.00 30.61 -9.65
C SER A 187 6.59 30.25 -9.23
N VAL A 188 6.06 29.11 -9.66
CA VAL A 188 4.70 28.72 -9.27
C VAL A 188 4.71 27.79 -8.07
N VAL A 189 5.86 27.62 -7.41
CA VAL A 189 5.97 26.95 -6.13
C VAL A 189 6.03 28.02 -5.05
N TRP A 190 5.06 28.01 -4.14
CA TRP A 190 4.89 29.11 -3.19
C TRP A 190 5.07 28.62 -1.76
N HIS A 191 5.34 29.57 -0.87
CA HIS A 191 5.53 29.28 0.55
C HIS A 191 4.60 30.13 1.43
N VAL B 2 -12.48 2.09 -15.38
CA VAL B 2 -12.06 0.74 -15.03
C VAL B 2 -13.05 -0.31 -15.52
N THR B 3 -12.53 -1.33 -16.18
CA THR B 3 -13.33 -2.43 -16.70
C THR B 3 -12.83 -3.74 -16.11
N VAL B 4 -13.77 -4.61 -15.71
CA VAL B 4 -13.42 -5.92 -15.18
C VAL B 4 -13.69 -6.96 -16.26
N ARG B 5 -12.77 -7.92 -16.39
CA ARG B 5 -12.86 -8.94 -17.42
C ARG B 5 -12.09 -10.15 -16.93
N ARG B 6 -12.34 -11.29 -17.58
CA ARG B 6 -11.63 -12.51 -17.21
C ARG B 6 -10.13 -12.37 -17.47
N PHE B 7 -9.35 -12.91 -16.55
CA PHE B 7 -7.92 -13.09 -16.78
C PHE B 7 -7.70 -13.91 -18.04
N ARG B 8 -6.66 -13.55 -18.78
CA ARG B 8 -6.17 -14.44 -19.83
C ARG B 8 -4.66 -14.57 -19.67
N PRO B 9 -4.08 -15.67 -20.17
CA PRO B 9 -2.66 -15.90 -19.91
C PRO B 9 -1.78 -14.76 -20.40
N GLU B 10 -2.17 -14.08 -21.48
CA GLU B 10 -1.41 -12.94 -21.94
C GLU B 10 -1.25 -11.87 -20.87
N ASP B 11 -2.09 -11.88 -19.83
CA ASP B 11 -1.96 -10.93 -18.73
C ASP B 11 -0.79 -11.22 -17.79
N LEU B 12 -0.11 -12.37 -17.97
CA LEU B 12 0.89 -12.78 -17.00
C LEU B 12 2.00 -11.75 -16.84
N ASN B 13 2.39 -11.08 -17.92
CA ASN B 13 3.47 -10.12 -17.82
C ASN B 13 3.01 -8.76 -17.30
N LYS B 14 1.72 -8.59 -17.02
CA LYS B 14 1.17 -7.28 -16.67
C LYS B 14 0.79 -7.16 -15.20
N LEU B 15 1.08 -8.16 -14.38
CA LEU B 15 0.70 -8.17 -12.97
C LEU B 15 1.77 -7.55 -12.08
N ALA B 16 2.88 -7.11 -12.67
CA ALA B 16 4.04 -6.73 -11.88
C ALA B 16 3.73 -5.56 -10.95
N LYS B 17 3.06 -4.52 -11.46
CA LYS B 17 2.78 -3.34 -10.63
C LYS B 17 1.97 -3.71 -9.40
N CYS B 18 0.86 -4.43 -9.57
CA CYS B 18 0.07 -4.91 -8.42
C CYS B 18 0.91 -5.76 -7.47
N ASN B 19 1.76 -6.64 -8.00
CA ASN B 19 2.47 -7.56 -7.13
C ASN B 19 3.63 -6.89 -6.38
N LEU B 20 3.94 -5.62 -6.67
CA LEU B 20 4.88 -4.89 -5.81
C LEU B 20 4.32 -4.64 -4.42
N ASP B 21 3.01 -4.77 -4.24
CA ASP B 21 2.42 -4.53 -2.93
C ASP B 21 2.99 -5.54 -1.92
N PRO B 22 3.33 -5.10 -0.71
CA PRO B 22 3.98 -6.00 0.26
C PRO B 22 3.07 -7.08 0.82
N PHE B 23 1.75 -6.94 0.72
CA PHE B 23 0.83 -7.98 1.13
C PHE B 23 0.32 -8.81 -0.03
N THR B 24 0.93 -8.70 -1.20
CA THR B 24 0.51 -9.42 -2.40
C THR B 24 1.60 -10.41 -2.74
N GLU B 25 1.25 -11.70 -2.80
CA GLU B 25 2.22 -12.73 -3.13
C GLU B 25 2.40 -12.82 -4.64
N THR B 26 3.64 -13.11 -5.08
CA THR B 26 3.90 -13.48 -6.46
C THR B 26 3.97 -15.00 -6.50
N TYR B 27 2.93 -15.64 -7.02
CA TYR B 27 2.92 -17.09 -7.09
C TYR B 27 3.70 -17.54 -8.34
N GLU B 28 3.90 -18.84 -8.43
CA GLU B 28 4.53 -19.41 -9.62
C GLU B 28 3.59 -19.33 -10.83
N LEU B 29 4.19 -19.25 -12.02
CA LEU B 29 3.40 -19.20 -13.24
C LEU B 29 2.33 -20.28 -13.24
N GLY B 30 2.76 -21.52 -12.98
CA GLY B 30 1.83 -22.63 -13.05
C GLY B 30 0.66 -22.51 -12.10
N PHE B 31 0.85 -21.77 -11.01
CA PHE B 31 -0.22 -21.58 -10.04
C PHE B 31 -1.32 -20.70 -10.64
N TYR B 32 -0.96 -19.53 -11.17
CA TYR B 32 -1.93 -18.73 -11.90
C TYR B 32 -2.63 -19.53 -12.98
N LEU B 33 -1.85 -20.26 -13.77
CA LEU B 33 -2.43 -20.98 -14.90
C LEU B 33 -3.33 -22.11 -14.44
N GLN B 34 -3.11 -22.68 -13.26
CA GLN B 34 -4.01 -23.71 -12.78
C GLN B 34 -5.38 -23.10 -12.43
N TYR B 35 -5.43 -21.91 -11.82
CA TYR B 35 -6.70 -21.24 -11.57
C TYR B 35 -7.39 -20.86 -12.88
N TYR B 36 -6.60 -20.42 -13.85
CA TYR B 36 -7.19 -20.13 -15.15
C TYR B 36 -7.83 -21.38 -15.76
N ALA B 37 -7.19 -22.53 -15.59
CA ALA B 37 -7.68 -23.76 -16.20
C ALA B 37 -8.92 -24.30 -15.48
N LYS B 38 -8.94 -24.21 -14.15
CA LYS B 38 -9.99 -24.88 -13.40
C LYS B 38 -11.17 -23.96 -13.09
N TRP B 39 -10.91 -22.68 -12.79
CA TRP B 39 -11.97 -21.73 -12.42
C TRP B 39 -11.82 -20.41 -13.18
N PRO B 40 -11.88 -20.44 -14.52
CA PRO B 40 -11.63 -19.22 -15.30
C PRO B 40 -12.62 -18.09 -15.02
N SER B 41 -13.90 -18.39 -14.76
CA SER B 41 -14.84 -17.32 -14.44
C SER B 41 -14.51 -16.60 -13.14
N LEU B 42 -13.71 -17.20 -12.26
CA LEU B 42 -13.44 -16.61 -10.96
C LEU B 42 -12.11 -15.88 -10.91
N PHE B 43 -11.38 -15.84 -12.01
CA PHE B 43 -10.08 -15.17 -12.12
C PHE B 43 -10.34 -13.93 -12.96
N GLN B 44 -10.55 -12.79 -12.30
CA GLN B 44 -11.00 -11.58 -12.97
C GLN B 44 -9.96 -10.50 -12.76
N VAL B 45 -9.76 -9.64 -13.77
CA VAL B 45 -8.80 -8.55 -13.67
C VAL B 45 -9.53 -7.24 -13.89
N ALA B 46 -9.04 -6.20 -13.21
CA ALA B 46 -9.55 -4.84 -13.36
C ALA B 46 -8.56 -4.07 -14.23
N GLU B 47 -9.05 -3.48 -15.31
CA GLU B 47 -8.20 -2.83 -16.29
C GLU B 47 -8.58 -1.37 -16.43
N ASP B 48 -7.59 -0.49 -16.54
CA ASP B 48 -7.89 0.93 -16.69
C ASP B 48 -8.05 1.29 -18.16
N GLN B 49 -8.33 2.57 -18.41
CA GLN B 49 -8.58 3.03 -19.77
C GLN B 49 -7.36 2.90 -20.67
N HIS B 50 -6.16 2.84 -20.10
CA HIS B 50 -4.92 2.72 -20.87
C HIS B 50 -4.39 1.28 -20.94
N GLY B 51 -5.17 0.29 -20.51
CA GLY B 51 -4.80 -1.10 -20.68
C GLY B 51 -4.02 -1.72 -19.53
N ASN B 52 -3.65 -0.95 -18.51
CA ASN B 52 -2.92 -1.49 -17.38
C ASN B 52 -3.84 -2.28 -16.46
N ILE B 53 -3.31 -3.35 -15.89
CA ILE B 53 -4.03 -4.11 -14.88
C ILE B 53 -3.83 -3.43 -13.54
N ILE B 54 -4.92 -2.94 -12.95
CA ILE B 54 -4.86 -2.23 -11.67
C ILE B 54 -5.46 -3.03 -10.55
N GLY B 55 -5.89 -4.26 -10.79
CA GLY B 55 -6.28 -5.14 -9.70
C GLY B 55 -6.70 -6.46 -10.28
N TYR B 56 -6.84 -7.45 -9.39
CA TYR B 56 -7.34 -8.75 -9.85
C TYR B 56 -7.75 -9.57 -8.63
N ILE B 57 -8.50 -10.64 -8.90
CA ILE B 57 -8.96 -11.53 -7.84
C ILE B 57 -8.92 -12.95 -8.40
N MET B 58 -8.58 -13.92 -7.53
CA MET B 58 -8.53 -15.33 -7.90
C MET B 58 -9.35 -16.11 -6.89
N GLY B 59 -10.30 -16.90 -7.36
CA GLY B 59 -11.17 -17.63 -6.45
C GLY B 59 -11.38 -19.06 -6.90
N LYS B 60 -11.97 -19.85 -6.01
CA LYS B 60 -12.32 -21.23 -6.34
C LYS B 60 -13.53 -21.68 -5.52
N LEU B 61 -14.17 -22.75 -5.98
CA LEU B 61 -15.26 -23.41 -5.28
C LEU B 61 -14.80 -24.82 -4.93
N GLU B 62 -14.98 -25.23 -3.69
CA GLU B 62 -14.62 -26.58 -3.32
C GLU B 62 -15.14 -26.89 -1.92
N SER B 63 -14.92 -28.13 -1.50
CA SER B 63 -15.06 -28.58 -0.13
C SER B 63 -13.82 -29.37 0.25
N SER B 64 -13.70 -29.68 1.54
CA SER B 64 -12.62 -30.52 1.99
C SER B 64 -12.73 -31.91 1.36
N PRO B 65 -11.60 -32.61 1.24
CA PRO B 65 -11.66 -34.01 0.79
C PRO B 65 -12.60 -34.83 1.65
N ASP B 66 -13.32 -35.76 1.02
CA ASP B 66 -14.36 -36.50 1.74
C ASP B 66 -13.80 -37.29 2.92
N VAL B 67 -12.51 -37.63 2.90
CA VAL B 67 -11.94 -38.38 4.01
C VAL B 67 -11.97 -37.61 5.32
N TYR B 68 -12.16 -36.29 5.26
CA TYR B 68 -12.19 -35.46 6.46
C TYR B 68 -13.60 -35.09 6.90
N ARG B 69 -14.63 -35.76 6.38
CA ARG B 69 -15.99 -35.28 6.57
C ARG B 69 -16.44 -35.32 8.03
N PHE B 70 -15.77 -36.09 8.88
CA PHE B 70 -16.12 -36.14 10.29
C PHE B 70 -15.18 -35.33 11.18
N SER B 71 -14.21 -34.66 10.59
CA SER B 71 -13.29 -33.80 11.34
C SER B 71 -14.01 -32.53 11.79
N PRO B 72 -13.72 -32.02 12.99
CA PRO B 72 -14.25 -30.70 13.37
C PRO B 72 -13.82 -29.60 12.43
N HIS B 73 -12.79 -29.84 11.62
CA HIS B 73 -12.21 -28.85 10.74
C HIS B 73 -12.62 -29.02 9.29
N TYR B 74 -13.55 -29.94 9.01
CA TYR B 74 -14.06 -30.12 7.66
C TYR B 74 -14.71 -28.84 7.15
N LEU B 75 -14.39 -28.48 5.90
CA LEU B 75 -15.04 -27.36 5.24
C LEU B 75 -16.06 -27.89 4.25
N PRO B 76 -17.32 -27.52 4.35
CA PRO B 76 -18.31 -27.89 3.33
C PRO B 76 -18.11 -27.02 2.09
N TRP B 77 -18.90 -27.31 1.06
CA TRP B 77 -18.92 -26.56 -0.19
C TRP B 77 -18.91 -25.05 0.08
N HIS B 78 -17.89 -24.37 -0.45
CA HIS B 78 -17.72 -22.94 -0.16
C HIS B 78 -16.92 -22.32 -1.30
N ALA B 79 -16.91 -21.00 -1.35
CA ALA B 79 -16.00 -20.27 -2.23
C ALA B 79 -14.85 -19.71 -1.41
N HIS B 80 -13.67 -19.68 -2.04
CA HIS B 80 -12.45 -19.26 -1.40
C HIS B 80 -11.83 -18.15 -2.23
N ILE B 81 -11.42 -17.08 -1.57
CA ILE B 81 -10.62 -16.03 -2.21
C ILE B 81 -9.15 -16.38 -2.00
N THR B 82 -8.50 -16.83 -3.08
CA THR B 82 -7.09 -17.17 -3.00
C THR B 82 -6.20 -15.92 -3.01
N ALA B 83 -6.59 -14.89 -3.75
CA ALA B 83 -5.82 -13.65 -3.82
C ALA B 83 -6.72 -12.52 -4.29
N VAL B 84 -6.53 -11.32 -3.72
CA VAL B 84 -7.11 -10.11 -4.27
C VAL B 84 -6.09 -9.00 -4.07
N THR B 85 -5.98 -8.10 -5.05
CA THR B 85 -5.04 -6.99 -4.93
C THR B 85 -5.53 -5.87 -5.83
N VAL B 86 -5.30 -4.64 -5.38
CA VAL B 86 -5.63 -3.45 -6.13
C VAL B 86 -4.42 -2.54 -6.04
N ALA B 87 -3.98 -1.99 -7.17
CA ALA B 87 -2.81 -1.13 -7.18
C ALA B 87 -2.99 0.05 -6.21
N PRO B 88 -1.94 0.45 -5.48
CA PRO B 88 -2.14 1.47 -4.45
C PRO B 88 -2.66 2.80 -4.97
N GLU B 89 -2.35 3.16 -6.21
CA GLU B 89 -2.88 4.41 -6.74
C GLU B 89 -4.37 4.35 -7.03
N ALA B 90 -4.97 3.16 -6.98
CA ALA B 90 -6.36 2.97 -7.37
C ALA B 90 -7.25 2.52 -6.23
N ARG B 91 -6.81 2.63 -4.98
CA ARG B 91 -7.59 2.11 -3.85
C ARG B 91 -8.64 3.11 -3.35
N ARG B 92 -9.58 2.59 -2.57
CA ARG B 92 -10.71 3.37 -2.07
C ARG B 92 -11.52 3.99 -3.19
N MET B 93 -11.62 3.25 -4.30
CA MET B 93 -12.47 3.61 -5.43
C MET B 93 -13.52 2.55 -5.68
N GLY B 94 -13.59 1.53 -4.80
CA GLY B 94 -14.56 0.47 -4.93
C GLY B 94 -14.14 -0.70 -5.78
N ILE B 95 -12.89 -0.74 -6.26
CA ILE B 95 -12.46 -1.84 -7.12
C ILE B 95 -12.41 -3.14 -6.34
N GLY B 96 -11.77 -3.11 -5.18
CA GLY B 96 -11.74 -4.29 -4.32
C GLY B 96 -13.14 -4.85 -4.06
N ARG B 97 -14.08 -3.97 -3.68
CA ARG B 97 -15.45 -4.41 -3.43
C ARG B 97 -16.08 -4.99 -4.68
N LEU B 98 -15.90 -4.33 -5.82
CA LEU B 98 -16.48 -4.81 -7.07
C LEU B 98 -16.01 -6.22 -7.40
N LEU B 99 -14.71 -6.47 -7.26
CA LEU B 99 -14.15 -7.79 -7.52
C LEU B 99 -14.70 -8.83 -6.55
N THR B 100 -14.78 -8.47 -5.27
CA THR B 100 -15.29 -9.38 -4.25
C THR B 100 -16.78 -9.66 -4.46
N GLU B 101 -17.58 -8.61 -4.76
CA GLU B 101 -19.01 -8.82 -4.93
C GLU B 101 -19.29 -9.76 -6.09
N GLN B 102 -18.49 -9.69 -7.17
CA GLN B 102 -18.73 -10.58 -8.30
C GLN B 102 -18.46 -12.03 -7.93
N LEU B 103 -17.43 -12.28 -7.12
CA LEU B 103 -17.19 -13.63 -6.63
C LEU B 103 -18.28 -14.08 -5.68
N GLU B 104 -18.74 -13.20 -4.79
CA GLU B 104 -19.86 -13.57 -3.92
C GLU B 104 -21.09 -13.93 -4.72
N ALA B 105 -21.36 -13.20 -5.80
CA ALA B 105 -22.50 -13.51 -6.63
C ALA B 105 -22.38 -14.90 -7.22
N ALA B 106 -21.17 -15.31 -7.63
CA ALA B 106 -20.96 -16.66 -8.14
C ALA B 106 -21.16 -17.69 -7.03
N ALA B 107 -20.60 -17.41 -5.85
CA ALA B 107 -20.77 -18.31 -4.70
C ALA B 107 -22.23 -18.47 -4.33
N ASP B 108 -22.98 -17.37 -4.31
CA ASP B 108 -24.41 -17.43 -4.05
C ASP B 108 -25.13 -18.29 -5.08
N ALA B 109 -24.85 -18.08 -6.37
CA ALA B 109 -25.50 -18.90 -7.40
C ALA B 109 -25.15 -20.37 -7.27
N ALA B 110 -23.97 -20.67 -6.71
CA ALA B 110 -23.49 -22.04 -6.57
C ALA B 110 -23.86 -22.67 -5.24
N ASP B 111 -24.66 -21.99 -4.43
CA ASP B 111 -25.10 -22.53 -3.13
C ASP B 111 -23.93 -22.80 -2.20
N ALA B 112 -22.89 -21.96 -2.28
CA ALA B 112 -21.83 -22.02 -1.29
C ALA B 112 -22.39 -21.72 0.10
N TRP B 113 -21.80 -22.35 1.13
CA TRP B 113 -22.22 -22.07 2.49
C TRP B 113 -21.67 -20.74 3.00
N PHE B 114 -20.52 -20.34 2.48
CA PHE B 114 -19.84 -19.10 2.86
C PHE B 114 -18.76 -18.83 1.83
N VAL B 115 -18.16 -17.65 1.95
CA VAL B 115 -16.93 -17.30 1.24
C VAL B 115 -15.84 -17.13 2.29
N ASP B 116 -14.67 -17.74 2.08
CA ASP B 116 -13.60 -17.58 3.06
C ASP B 116 -12.30 -17.12 2.41
N LEU B 117 -11.33 -16.78 3.28
CA LEU B 117 -10.06 -16.22 2.87
C LEU B 117 -9.10 -16.31 4.05
N PHE B 118 -7.80 -16.28 3.74
CA PHE B 118 -6.75 -16.13 4.75
C PHE B 118 -6.17 -14.72 4.67
N VAL B 119 -5.94 -14.11 5.82
CA VAL B 119 -5.34 -12.78 5.86
C VAL B 119 -4.30 -12.71 6.97
N ARG B 120 -3.17 -12.07 6.68
CA ARG B 120 -2.16 -11.86 7.70
C ARG B 120 -2.74 -11.06 8.85
N THR B 121 -2.45 -11.49 10.08
CA THR B 121 -3.03 -10.77 11.22
C THR B 121 -2.53 -9.33 11.34
N THR B 122 -1.43 -8.97 10.68
CA THR B 122 -0.92 -7.59 10.66
C THR B 122 -1.46 -6.79 9.47
N ASN B 123 -2.28 -7.40 8.61
CA ASN B 123 -2.76 -6.69 7.42
C ASN B 123 -4.07 -5.96 7.77
N HIS B 124 -3.91 -4.86 8.51
CA HIS B 124 -5.08 -4.17 9.07
C HIS B 124 -5.93 -3.54 7.98
N LYS B 125 -5.32 -3.12 6.86
CA LYS B 125 -6.11 -2.56 5.77
C LYS B 125 -7.09 -3.61 5.24
N ALA B 126 -6.59 -4.81 4.95
CA ALA B 126 -7.45 -5.86 4.41
C ALA B 126 -8.49 -6.32 5.44
N ILE B 127 -8.08 -6.41 6.72
CA ILE B 127 -9.04 -6.83 7.74
C ILE B 127 -10.20 -5.85 7.81
N ALA B 128 -9.89 -4.54 7.78
CA ALA B 128 -10.97 -3.54 7.83
C ALA B 128 -11.83 -3.61 6.57
N PHE B 129 -11.18 -3.82 5.42
CA PHE B 129 -11.90 -4.04 4.17
C PHE B 129 -12.90 -5.18 4.30
N TYR B 130 -12.45 -6.35 4.73
CA TYR B 130 -13.37 -7.50 4.77
C TYR B 130 -14.43 -7.32 5.85
N LYS B 131 -14.07 -6.77 7.01
CA LYS B 131 -15.07 -6.57 8.05
C LYS B 131 -16.18 -5.64 7.56
N SER B 132 -15.83 -4.63 6.75
CA SER B 132 -16.86 -3.71 6.25
C SER B 132 -17.84 -4.40 5.31
N MET B 133 -17.46 -5.51 4.69
CA MET B 133 -18.31 -6.23 3.75
C MET B 133 -19.03 -7.41 4.40
N GLY B 134 -18.90 -7.57 5.72
CA GLY B 134 -19.62 -8.63 6.41
C GLY B 134 -18.84 -9.88 6.72
N TYR B 135 -17.51 -9.87 6.54
CA TYR B 135 -16.65 -10.98 6.91
C TYR B 135 -16.27 -10.90 8.38
N SER B 136 -16.09 -12.06 9.00
CA SER B 136 -15.68 -12.14 10.40
C SER B 136 -14.62 -13.23 10.57
N VAL B 137 -13.84 -13.12 11.65
CA VAL B 137 -12.84 -14.14 11.95
C VAL B 137 -13.54 -15.40 12.40
N TYR B 138 -13.25 -16.52 11.73
CA TYR B 138 -13.75 -17.82 12.12
C TYR B 138 -12.76 -18.59 12.99
N ARG B 139 -11.47 -18.51 12.65
CA ARG B 139 -10.43 -19.15 13.44
C ARG B 139 -9.11 -18.46 13.10
N VAL B 140 -8.13 -18.70 13.97
CA VAL B 140 -6.75 -18.29 13.73
C VAL B 140 -5.97 -19.52 13.30
N VAL B 141 -5.26 -19.43 12.19
CA VAL B 141 -4.34 -20.48 11.76
C VAL B 141 -2.94 -20.05 12.18
N LYS B 142 -2.42 -20.70 13.23
CA LYS B 142 -1.08 -20.39 13.71
C LYS B 142 -0.03 -20.73 12.66
N ASP B 143 0.91 -19.79 12.44
CA ASP B 143 2.09 -20.02 11.60
C ASP B 143 1.74 -20.34 10.15
N TYR B 144 0.58 -19.85 9.68
CA TYR B 144 0.12 -20.16 8.33
C TYR B 144 1.08 -19.60 7.29
N TYR B 145 1.57 -18.39 7.50
CA TYR B 145 2.51 -17.77 6.57
C TYR B 145 3.94 -18.04 6.98
N GLY B 146 4.78 -18.37 5.99
CA GLY B 146 6.13 -18.84 6.25
C GLY B 146 7.11 -17.77 6.68
N ASP B 147 6.73 -16.50 6.59
CA ASP B 147 7.55 -15.41 7.11
C ASP B 147 6.61 -14.35 7.65
N HIS B 148 7.18 -13.37 8.35
CA HIS B 148 6.40 -12.27 8.90
C HIS B 148 6.49 -11.05 7.99
N SER B 149 5.43 -10.24 8.01
CA SER B 149 5.35 -9.07 7.15
C SER B 149 6.09 -7.87 7.70
N ALA B 150 6.44 -7.88 8.99
CA ALA B 150 7.05 -6.70 9.61
C ALA B 150 8.31 -7.03 10.40
N ASP B 151 8.36 -8.23 10.99
CA ASP B 151 9.45 -8.60 11.90
C ASP B 151 10.29 -9.71 11.30
N PRO B 152 11.48 -9.42 10.76
CA PRO B 152 12.33 -10.49 10.21
C PRO B 152 12.78 -11.53 11.23
N SER B 153 12.67 -11.24 12.54
CA SER B 153 13.06 -12.22 13.55
C SER B 153 11.99 -13.29 13.76
N ARG B 154 10.71 -12.95 13.57
CA ARG B 154 9.65 -13.96 13.60
C ARG B 154 9.81 -14.89 12.41
N SER B 155 9.72 -16.20 12.65
CA SER B 155 9.86 -17.17 11.58
C SER B 155 8.59 -17.34 10.77
N SER B 156 7.46 -16.86 11.27
CA SER B 156 6.17 -17.09 10.61
C SER B 156 5.21 -16.00 11.06
N GLU B 157 4.04 -15.99 10.43
CA GLU B 157 2.97 -15.09 10.83
C GLU B 157 1.65 -15.84 10.84
N ASP B 158 0.80 -15.54 11.80
CA ASP B 158 -0.50 -16.20 11.83
C ASP B 158 -1.43 -15.62 10.75
N ALA B 159 -2.45 -16.41 10.40
CA ALA B 159 -3.54 -15.96 9.55
C ALA B 159 -4.85 -15.92 10.32
N TYR B 160 -5.69 -14.95 10.00
CA TYR B 160 -7.11 -15.07 10.31
C TYR B 160 -7.76 -15.76 9.12
N ASP B 161 -8.57 -16.78 9.41
CA ASP B 161 -9.45 -17.36 8.41
C ASP B 161 -10.78 -16.63 8.56
N MET B 162 -11.09 -15.75 7.63
CA MET B 162 -12.30 -14.95 7.71
C MET B 162 -13.35 -15.54 6.79
N ARG B 163 -14.61 -15.41 7.19
CA ARG B 163 -15.75 -15.97 6.48
C ARG B 163 -16.85 -14.93 6.38
N LYS B 164 -17.53 -14.93 5.23
CA LYS B 164 -18.78 -14.20 5.09
C LYS B 164 -19.88 -15.23 4.83
N PRO B 165 -20.94 -15.28 5.62
CA PRO B 165 -21.98 -16.28 5.37
C PRO B 165 -22.71 -15.99 4.08
N MET B 166 -23.06 -17.06 3.36
CA MET B 166 -23.96 -16.98 2.22
C MET B 166 -25.36 -17.43 2.65
N LYS B 167 -26.35 -17.19 1.76
CA LYS B 167 -27.74 -17.34 2.19
C LYS B 167 -28.11 -18.78 2.51
N ARG B 168 -27.34 -19.76 2.03
CA ARG B 168 -27.61 -21.15 2.37
C ARG B 168 -27.43 -21.40 3.87
N ASP B 169 -26.58 -20.62 4.54
CA ASP B 169 -26.33 -20.86 5.96
C ASP B 169 -27.39 -20.16 6.82
N VAL B 170 -28.60 -20.70 6.77
CA VAL B 170 -29.74 -20.05 7.41
C VAL B 170 -29.59 -19.99 8.93
N LYS B 171 -28.90 -20.97 9.52
CA LYS B 171 -28.70 -20.98 10.96
C LYS B 171 -27.39 -20.33 11.36
N ARG B 172 -26.62 -19.82 10.41
CA ARG B 172 -25.32 -19.22 10.69
C ARG B 172 -24.46 -20.16 11.53
N GLU B 173 -24.48 -21.44 11.16
CA GLU B 173 -23.65 -22.41 11.88
C GLU B 173 -22.19 -22.41 11.43
N HIS B 174 -21.84 -21.69 10.37
CA HIS B 174 -20.46 -21.67 9.89
C HIS B 174 -19.76 -20.35 10.20
N ILE B 175 -20.37 -19.50 11.03
CA ILE B 175 -19.66 -18.32 11.52
C ILE B 175 -19.73 -18.28 13.05
N ARG B 176 -18.78 -17.53 13.62
CA ARG B 176 -18.55 -17.46 15.06
C ARG B 176 -18.42 -16.02 15.52
N GLU B 177 -18.90 -15.74 16.73
CA GLU B 177 -18.71 -14.45 17.37
C GLU B 177 -17.35 -14.30 18.04
N ASP B 178 -16.71 -15.42 18.38
CA ASP B 178 -15.49 -15.46 19.16
C ASP B 178 -14.39 -16.16 18.39
N GLY B 179 -14.33 -15.91 17.07
CA GLY B 179 -13.45 -16.69 16.23
C GLY B 179 -11.97 -16.53 16.56
N GLU B 180 -11.59 -15.35 17.03
CA GLU B 180 -10.19 -15.11 17.37
C GLU B 180 -9.72 -16.01 18.51
N LYS B 181 -10.65 -16.63 19.25
CA LYS B 181 -10.30 -17.52 20.35
C LYS B 181 -10.10 -18.97 19.92
N HIS B 182 -10.35 -19.29 18.65
CA HIS B 182 -10.21 -20.65 18.14
C HIS B 182 -8.94 -20.68 17.30
N GLU B 183 -7.94 -21.42 17.78
CA GLU B 183 -6.66 -21.51 17.10
C GLU B 183 -6.44 -22.93 16.59
N VAL B 184 -6.02 -23.03 15.33
CA VAL B 184 -5.62 -24.29 14.72
C VAL B 184 -4.25 -24.05 14.10
N ASP B 185 -3.61 -25.13 13.67
CA ASP B 185 -2.36 -24.99 12.93
C ASP B 185 -2.53 -25.57 11.52
N PRO B 186 -1.52 -25.41 10.65
CA PRO B 186 -1.67 -25.87 9.26
C PRO B 186 -1.89 -27.38 9.10
N SER B 187 -1.72 -28.18 10.15
CA SER B 187 -1.96 -29.61 9.99
C SER B 187 -3.42 -29.94 9.71
N VAL B 188 -4.37 -29.06 10.09
CA VAL B 188 -5.79 -29.26 9.80
C VAL B 188 -6.27 -28.35 8.68
N VAL B 189 -5.36 -27.72 7.96
CA VAL B 189 -5.65 -27.01 6.71
C VAL B 189 -5.23 -27.92 5.57
N TRP B 190 -6.17 -28.31 4.72
CA TRP B 190 -5.87 -29.36 3.75
C TRP B 190 -5.92 -28.82 2.34
N HIS B 191 -5.27 -29.55 1.44
CA HIS B 191 -5.12 -29.11 0.07
C HIS B 191 -5.61 -30.16 -0.93
N MET C 1 12.60 15.42 -1.12
CA MET C 1 13.46 16.40 -0.52
C MET C 1 13.22 17.76 -1.04
N ASP C 2 12.79 18.74 -0.19
CA ASP C 2 12.61 20.08 -0.61
C ASP C 2 13.92 20.75 -0.91
N GLU C 3 14.05 21.74 -1.86
CA GLU C 3 15.27 22.42 -2.17
C GLU C 3 15.72 23.20 -0.94
N LEU C 4 17.01 23.45 -0.62
CA LEU C 4 17.51 24.19 0.50
C LEU C 4 17.11 25.68 0.36
N MET D 1 -5.01 -13.66 0.89
CA MET D 1 -3.89 -14.18 0.19
C MET D 1 -3.45 -15.52 0.70
N ASP D 2 -3.42 -16.58 -0.13
CA ASP D 2 -2.96 -17.88 0.28
C ASP D 2 -1.47 -17.92 0.51
N GLU D 3 -0.87 -18.75 1.40
CA GLU D 3 0.55 -18.82 1.64
C GLU D 3 1.22 -19.26 0.35
N LEU D 4 2.46 -18.86 -0.07
CA LEU D 4 3.11 -19.27 -1.28
C LEU D 4 3.32 -20.81 -1.22
N1A CMC E . 15.10 0.24 -6.38
C2A CMC E . 13.80 -0.23 -6.61
N3A CMC E . 12.77 -0.27 -5.79
C4A CMC E . 13.03 0.23 -4.59
C5A CMC E . 14.29 0.77 -4.14
C6A CMC E . 15.29 0.73 -5.14
N6A CMC E . 16.60 1.20 -4.85
N7A CMC E . 14.17 1.20 -2.81
C8A CMC E . 12.92 0.95 -2.45
N9A CMC E . 12.18 0.37 -3.51
C1B CMC E . 10.74 -0.09 -3.54
C2B CMC E . 10.70 -1.62 -3.46
O2B CMC E . 9.46 -2.05 -4.02
C3B CMC E . 10.57 -1.90 -1.97
O3B CMC E . 10.06 -3.08 -1.68
P3B CMC E . 11.14 -4.47 -1.51
O7A CMC E . 12.28 -4.03 -0.62
O8A CMC E . 11.58 -4.67 -2.94
O9A CMC E . 10.25 -5.54 -0.90
C4B CMC E . 9.68 -0.68 -1.55
O4B CMC E . 10.13 0.41 -2.38
C5B CMC E . 9.84 -0.35 -0.09
O5B CMC E . 11.12 -0.03 0.23
P1A CMC E . 11.60 0.39 1.73
O1A CMC E . 12.52 -0.64 2.30
O2A CMC E . 10.37 0.80 2.51
O3A CMC E . 12.53 1.64 1.42
P2A CMC E . 13.80 2.17 2.20
O4A CMC E . 13.71 2.00 3.70
O5A CMC E . 15.01 1.53 1.56
O6A CMC E . 13.89 3.71 1.89
CBP CMC E . 14.42 5.57 0.49
CCP CMC E . 13.72 4.21 0.64
CDP CMC E . 14.18 6.20 -0.90
CEP CMC E . 13.93 6.55 1.56
CAP CMC E . 15.94 5.34 0.72
OAP CMC E . 16.52 4.82 -0.46
C9P CMC E . 16.71 6.61 1.02
O9P CMC E . 16.73 6.99 2.20
N8P CMC E . 17.37 7.34 0.07
C7P CMC E . 18.14 8.55 0.31
C6P CMC E . 17.27 9.80 0.51
C5P CMC E . 16.21 10.04 -0.47
O5P CMC E . 16.42 9.91 -1.69
N4P CMC E . 14.93 10.49 -0.08
C3P CMC E . 13.84 10.73 -1.03
C2P CMC E . 14.03 11.98 -1.76
S1P CMC E . 12.56 12.45 -2.65
C1 CMC E . 11.43 13.30 -1.41
C2 CMC E . 12.25 14.21 -0.58
O21 CMC E . 12.68 13.87 0.54
H2A CMC E . 13.63 -0.58 -7.45
H61A CMC E . 16.97 1.10 -4.08
H62A CMC E . 17.04 1.61 -5.47
H8A CMC E . 12.56 1.13 -1.62
H1B CMC E . 10.29 0.32 -4.27
H2B CMC E . 11.48 -2.11 -3.76
HO2A CMC E . 9.60 -2.20 -4.84
H3B CMC E . 11.49 -1.78 -1.67
H4B CMC E . 8.74 -0.77 -1.77
H51A CMC E . 9.23 0.38 0.08
H52A CMC E . 9.52 -1.13 0.38
H121 CMC E . 14.06 3.56 0.00
H122 CMC E . 12.77 4.27 0.46
H131 CMC E . 13.25 6.19 -1.16
H132 CMC E . 14.47 7.12 -0.97
H133 CMC E . 14.64 5.74 -1.62
H141 CMC E . 12.96 6.60 1.62
H142 CMC E . 14.23 6.30 2.46
H143 CMC E . 14.23 7.46 1.43
H10 CMC E . 16.02 4.73 1.46
HO1 CMC E . 17.27 4.49 -0.23
HN8 CMC E . 17.33 7.05 -0.75
H71 CMC E . 18.78 8.70 -0.40
H72 CMC E . 18.72 8.43 1.08
H61 CMC E . 16.88 9.75 1.38
H62 CMC E . 17.85 10.57 0.53
HN4 CMC E . 14.77 10.64 0.75
H31 CMC E . 13.73 10.00 -1.65
H32 CMC E . 12.97 10.73 -0.59
H21 CMC E . 14.27 12.70 -1.16
H22 CMC E . 14.76 11.91 -2.39
H11 CMC E . 10.96 12.60 -0.94
H12 CMC E . 10.71 13.70 -1.92
N1A CMC F . -9.03 1.18 6.07
C2A CMC F . -10.37 1.05 6.39
N3A CMC F . -11.39 0.60 5.68
C4A CMC F . -11.03 0.24 4.45
C5A CMC F . -9.69 0.32 3.90
C6A CMC F . -8.73 0.82 4.82
N6A CMC F . -7.38 0.94 4.43
N7A CMC F . -9.68 -0.14 2.59
C8A CMC F . -10.94 -0.46 2.31
N9A CMC F . -11.79 -0.27 3.42
C1B CMC F . -13.27 -0.48 3.53
C2B CMC F . -13.98 0.88 3.47
O2B CMC F . -15.24 0.78 4.13
C3B CMC F . -14.30 1.03 1.98
O3B CMC F . -15.28 1.88 1.72
P3B CMC F . -14.93 3.54 1.54
O7A CMC F . -13.73 3.64 0.63
O8A CMC F . -14.60 3.89 2.97
O9A CMC F . -16.19 4.11 0.94
C4B CMC F . -14.61 -0.46 1.65
O4B CMC F . -13.65 -1.22 2.42
C5B CMC F . -14.40 -0.74 0.19
O5B CMC F . -13.13 -0.46 -0.22
P1A CMC F . -12.64 -0.67 -1.77
O1A CMC F . -12.35 0.66 -2.36
O2A CMC F . -13.61 -1.60 -2.48
O3A CMC F . -11.22 -1.36 -1.53
P2A CMC F . -9.90 -1.27 -2.38
O4A CMC F . -10.07 -1.21 -3.87
O5A CMC F . -9.06 -0.14 -1.81
O6A CMC F . -9.12 -2.66 -2.10
CBP CMC F . -7.74 -4.11 -0.77
CCP CMC F . -9.00 -3.23 -0.86
CDP CMC F . -7.56 -4.75 0.62
CEP CMC F . -7.89 -5.20 -1.85
CAP CMC F . -6.50 -3.20 -1.06
OAP CMC F . -6.11 -2.49 0.09
C9P CMC F . -5.27 -4.01 -1.45
O9P CMC F . -5.17 -4.37 -2.63
N8P CMC F . -4.26 -4.35 -0.58
C7P CMC F . -3.08 -5.13 -0.94
C6P CMC F . -3.33 -6.61 -1.07
C5P CMC F . -4.11 -7.27 -0.03
O5P CMC F . -4.00 -6.90 1.16
N4P CMC F . -5.05 -8.30 -0.34
C3P CMC F . -5.88 -8.96 0.66
C2P CMC F . -5.12 -9.93 1.45
S1P CMC F . -6.22 -10.93 2.44
C1 CMC F . -6.96 -12.18 1.29
C2 CMC F . -5.87 -12.74 0.40
O21 CMC F . -5.68 -12.32 -0.76
H2A CMC F . -10.61 1.32 7.25
H61A CMC F . -7.13 0.98 3.61
H62A CMC F . -6.78 0.98 5.04
H8A CMC F . -11.24 -0.79 1.49
H1B CMC F . -13.47 -1.04 4.29
H2B CMC F . -13.45 1.66 3.71
HO2A CMC F . -15.08 0.65 4.96
H3B CMC F . -13.45 1.29 1.61
H4B CMC F . -15.49 -0.75 1.96
H51A CMC F . -14.64 -1.68 0.08
H52A CMC F . -15.06 -0.21 -0.27
H121 CMC F . -8.99 -2.51 -0.20
H122 CMC F . -9.81 -3.73 -0.67
H131 CMC F . -6.84 -5.39 0.67
H132 CMC F . -7.37 -4.11 1.32
H133 CMC F . -8.34 -5.23 0.94
H141 CMC F . -8.75 -5.65 -1.80
H142 CMC F . -7.83 -4.84 -2.74
H143 CMC F . -7.22 -5.89 -1.78
H10 CMC F . -6.77 -2.59 -1.78
HO1 CMC F . -6.24 -1.66 -0.10
HN8 CMC F . -4.34 -4.09 0.24
H71 CMC F . -2.36 -4.96 -0.32
H72 CMC F . -2.69 -4.79 -1.77
H61 CMC F . -3.77 -6.77 -1.92
H62 CMC F . -2.48 -7.06 -1.14
HN4 CMC F . -5.13 -8.55 -1.16
H31 CMC F . -6.32 -8.33 1.25
H32 CMC F . -6.66 -9.38 0.26
H21 CMC F . -4.59 -10.51 0.87
H22 CMC F . -4.48 -9.50 2.03
H11 CMC F . -7.70 -11.75 0.84
H12 CMC F . -7.43 -12.83 1.84
#